data_2FDM
#
_entry.id   2FDM
#
_cell.length_a   62.497
_cell.length_b   66.624
_cell.length_c   107.481
_cell.angle_alpha   90.00
_cell.angle_beta   90.00
_cell.angle_gamma   90.00
#
_symmetry.space_group_name_H-M   'P 21 21 21'
#
loop_
_entity.id
_entity.type
_entity.pdbx_description
1 polymer 'Chitinase-3-like protein 1'
2 polymer Tripeptide
3 branched 2-acetamido-2-deoxy-alpha-D-glucopyranose-(1-4)-2-acetamido-2-deoxy-beta-D-glucopyranose
4 branched 2-acetamido-2-deoxy-beta-D-glucopyranose-(1-4)-2-acetamido-2-deoxy-beta-D-glucopyranose-(1-4)-2-acetamido-2-deoxy-beta-D-glucopyranose-(1-4)-2-acetamido-2-deoxy-alpha-D-glucopyranose-(1-4)-2-acetamido-2-deoxy-beta-D-glucopyranose-(1-4)-2-acetamido-2-deoxy-alpha-D-glucopyranose
5 water water
#
loop_
_entity_poly.entity_id
_entity_poly.type
_entity_poly.pdbx_seq_one_letter_code
_entity_poly.pdbx_strand_id
1 'polypeptide(L)'
;YKLICYYTSWSQYREGDGSCFPDAIDPFLCTHVIYSFANISNNEIDTWEWNDVTLYDTLNTLKNRNPKLKTLLSVGGWNF
GPERFSAIASKTQSRRTFIKSVPPFLRTHGFDGLDLAWLYPGRRDKRHLTTLVKEMKAEFIREAQAGTEQLLLSAAVSAG
KIAIDRGYDIAQISRHLDFISLLTYDFHGAWRQTVGHHSPLFAGNEDASSRFSNADYAVSYMLRLGAPANKLVMGIPTFG
RSFTLASSKTDVGAPVSGPGVPGRFTKEKGILAYYEICDFLHGATTHRFRDQQVPYATKGNQWVAYDDQESVKNKARYLK
NRQLAGAMVWALDLDDFRGTFCGQNLTFPLTSAVKDVLAEV
;
A
2 'polypeptide(L)' WPW P
#
# COMPACT_ATOMS: atom_id res chain seq x y z
N TYR A 1 16.12 5.02 7.83
CA TYR A 1 14.97 4.21 7.34
C TYR A 1 13.77 5.09 7.09
N LYS A 2 13.05 4.78 6.01
CA LYS A 2 11.87 5.53 5.60
C LYS A 2 10.61 4.81 6.03
N LEU A 3 9.59 5.56 6.42
CA LEU A 3 8.32 4.95 6.79
C LEU A 3 7.23 5.66 5.98
N ILE A 4 6.86 5.04 4.84
CA ILE A 4 5.85 5.55 3.89
C ILE A 4 4.44 5.11 4.28
N CYS A 5 3.57 6.07 4.55
CA CYS A 5 2.21 5.77 4.97
C CYS A 5 1.15 6.35 4.04
N TYR A 6 0.20 5.50 3.66
CA TYR A 6 -0.90 5.89 2.78
C TYR A 6 -2.15 6.28 3.55
N TYR A 7 -2.78 7.35 3.10
CA TYR A 7 -4.02 7.83 3.68
C TYR A 7 -5.01 7.89 2.55
N THR A 8 -6.18 7.29 2.73
CA THR A 8 -7.18 7.26 1.68
C THR A 8 -8.29 8.31 1.81
N SER A 9 -8.69 8.87 0.66
CA SER A 9 -9.72 9.90 0.53
C SER A 9 -11.09 9.51 1.04
N TRP A 10 -11.48 8.31 0.64
CA TRP A 10 -12.77 7.76 0.99
C TRP A 10 -12.99 7.35 2.44
N SER A 11 -11.94 7.38 3.25
CA SER A 11 -12.11 6.98 4.65
C SER A 11 -12.84 8.02 5.49
N GLN A 12 -12.99 9.24 4.97
CA GLN A 12 -13.65 10.32 5.69
C GLN A 12 -15.15 10.04 5.80
N TYR A 13 -15.66 9.22 4.89
CA TYR A 13 -17.09 8.91 4.85
C TYR A 13 -17.59 7.80 5.76
N ARG A 14 -16.67 7.00 6.29
CA ARG A 14 -17.06 5.91 7.18
C ARG A 14 -17.78 6.45 8.41
N GLU A 15 -18.89 5.82 8.79
CA GLU A 15 -19.65 6.33 9.93
C GLU A 15 -19.09 6.07 11.32
N GLY A 16 -19.38 6.99 12.22
CA GLY A 16 -18.91 6.88 13.57
C GLY A 16 -17.42 7.09 13.71
N ASP A 17 -16.81 6.30 14.58
CA ASP A 17 -15.38 6.34 14.85
C ASP A 17 -14.55 5.93 13.63
N GLY A 18 -15.17 5.18 12.74
CA GLY A 18 -14.47 4.76 11.54
C GLY A 18 -14.07 5.98 10.74
N SER A 19 -14.79 7.09 10.95
CA SER A 19 -14.53 8.36 10.26
C SER A 19 -13.11 8.86 10.57
N CYS A 20 -12.35 9.15 9.52
CA CYS A 20 -10.98 9.60 9.69
C CYS A 20 -10.51 10.68 8.72
N PHE A 21 -10.11 11.83 9.27
CA PHE A 21 -9.61 12.95 8.48
C PHE A 21 -8.12 13.13 8.70
N PRO A 22 -7.41 13.79 7.76
CA PRO A 22 -5.97 14.04 7.82
C PRO A 22 -5.46 14.48 9.18
N ASP A 23 -6.21 15.31 9.87
CA ASP A 23 -5.75 15.79 11.18
C ASP A 23 -5.66 14.75 12.29
N ALA A 24 -6.01 13.50 12.00
CA ALA A 24 -5.98 12.46 13.01
C ALA A 24 -4.64 11.76 12.91
N ILE A 25 -3.86 12.19 11.92
CA ILE A 25 -2.55 11.62 11.67
C ILE A 25 -1.49 12.26 12.56
N ASP A 26 -0.67 11.40 13.15
CA ASP A 26 0.42 11.84 14.01
C ASP A 26 1.52 12.32 13.06
N PRO A 27 1.85 13.63 13.13
CA PRO A 27 2.87 14.25 12.27
C PRO A 27 4.25 13.64 12.38
N PHE A 28 4.52 12.97 13.49
CA PHE A 28 5.83 12.37 13.70
C PHE A 28 5.86 10.89 13.52
N LEU A 29 4.70 10.31 13.24
CA LEU A 29 4.63 8.87 13.03
C LEU A 29 5.40 8.42 11.79
N CYS A 30 5.04 8.96 10.62
CA CYS A 30 5.67 8.57 9.36
C CYS A 30 6.68 9.58 8.80
N THR A 31 7.53 9.13 7.88
CA THR A 31 8.48 10.06 7.28
C THR A 31 7.86 10.66 6.01
N HIS A 32 7.01 9.86 5.37
CA HIS A 32 6.33 10.24 4.14
C HIS A 32 4.88 9.80 4.18
N VAL A 33 3.98 10.74 3.95
CA VAL A 33 2.56 10.41 3.91
C VAL A 33 2.06 10.61 2.49
N ILE A 34 1.33 9.63 1.99
CA ILE A 34 0.83 9.69 0.63
C ILE A 34 -0.71 9.68 0.56
N TYR A 35 -1.29 10.75 0.05
CA TYR A 35 -2.73 10.89 -0.12
C TYR A 35 -3.14 10.06 -1.38
N SER A 36 -4.10 9.14 -1.23
CA SER A 36 -4.63 8.36 -2.38
C SER A 36 -6.08 8.67 -2.59
N PHE A 37 -6.55 8.90 -3.82
CA PHE A 37 -5.80 8.87 -5.07
C PHE A 37 -6.25 10.08 -5.88
N ALA A 38 -5.31 10.62 -6.66
CA ALA A 38 -5.58 11.75 -7.51
C ALA A 38 -6.28 11.11 -8.71
N ASN A 39 -6.75 11.91 -9.65
CA ASN A 39 -7.45 11.38 -10.81
C ASN A 39 -6.85 11.97 -12.07
N ILE A 40 -7.30 11.49 -13.22
CA ILE A 40 -6.81 12.03 -14.47
C ILE A 40 -8.00 12.43 -15.33
N SER A 41 -7.96 13.67 -15.83
CA SER A 41 -9.01 14.22 -16.68
C SER A 41 -8.42 15.02 -17.81
N ASN A 42 -8.94 14.84 -19.02
CA ASN A 42 -8.44 15.56 -20.17
C ASN A 42 -6.93 15.41 -20.14
N ASN A 43 -6.50 14.21 -19.78
CA ASN A 43 -5.08 13.87 -19.69
C ASN A 43 -4.27 14.71 -18.72
N GLU A 44 -4.94 15.27 -17.72
CA GLU A 44 -4.27 16.10 -16.72
C GLU A 44 -4.57 15.51 -15.35
N ILE A 45 -3.66 15.69 -14.39
CA ILE A 45 -3.89 15.18 -13.05
C ILE A 45 -5.00 16.06 -12.49
N ASP A 46 -5.87 15.49 -11.68
CA ASP A 46 -6.97 16.26 -11.13
C ASP A 46 -7.42 15.68 -9.80
N THR A 47 -8.28 16.41 -9.09
CA THR A 47 -8.78 15.94 -7.81
C THR A 47 -9.77 14.80 -8.03
N TRP A 48 -10.23 14.21 -6.93
CA TRP A 48 -11.17 13.10 -7.01
C TRP A 48 -12.43 13.38 -6.20
N GLU A 49 -12.26 13.49 -4.89
CA GLU A 49 -13.37 13.78 -4.00
C GLU A 49 -13.65 15.26 -4.14
N TRP A 50 -14.86 15.68 -3.80
CA TRP A 50 -15.24 17.08 -3.91
C TRP A 50 -14.45 17.98 -2.95
N ASN A 51 -14.07 17.45 -1.80
CA ASN A 51 -13.33 18.28 -0.84
C ASN A 51 -11.84 18.01 -0.75
N ASP A 52 -11.26 17.47 -1.83
CA ASP A 52 -9.83 17.19 -1.84
C ASP A 52 -8.99 18.43 -1.59
N VAL A 53 -9.28 19.52 -2.28
CA VAL A 53 -8.49 20.70 -2.05
C VAL A 53 -8.47 21.07 -0.57
N THR A 54 -9.54 20.76 0.17
CA THR A 54 -9.57 21.05 1.60
C THR A 54 -8.74 20.06 2.39
N LEU A 55 -8.90 18.77 2.09
CA LEU A 55 -8.15 17.75 2.79
C LEU A 55 -6.66 17.83 2.43
N TYR A 56 -6.35 18.19 1.17
CA TYR A 56 -4.96 18.33 0.74
C TYR A 56 -4.32 19.30 1.71
N ASP A 57 -5.05 20.38 1.92
CA ASP A 57 -4.66 21.48 2.78
C ASP A 57 -4.48 21.02 4.22
N THR A 58 -5.42 20.23 4.71
CA THR A 58 -5.35 19.72 6.08
C THR A 58 -4.16 18.80 6.33
N LEU A 59 -3.90 17.94 5.35
CA LEU A 59 -2.79 16.99 5.39
C LEU A 59 -1.44 17.71 5.39
N ASN A 60 -1.30 18.63 4.43
CA ASN A 60 -0.05 19.37 4.29
C ASN A 60 0.22 20.35 5.40
N THR A 61 -0.77 20.61 6.25
CA THR A 61 -0.50 21.52 7.36
C THR A 61 0.22 20.72 8.43
N LEU A 62 0.21 19.39 8.33
CA LEU A 62 0.89 18.58 9.32
C LEU A 62 2.37 18.94 9.26
N LYS A 63 2.82 19.39 8.09
CA LYS A 63 4.22 19.79 7.91
C LYS A 63 4.58 21.05 8.71
N ASN A 64 3.60 21.67 9.34
CA ASN A 64 3.87 22.87 10.13
C ASN A 64 4.40 22.49 11.48
N ARG A 65 4.08 21.27 11.90
CA ARG A 65 4.51 20.77 13.19
C ARG A 65 5.79 19.95 13.04
N ASN A 66 5.86 19.22 11.94
CA ASN A 66 7.02 18.41 11.63
C ASN A 66 7.54 18.83 10.27
N PRO A 67 8.52 19.75 10.26
CA PRO A 67 9.14 20.29 9.05
C PRO A 67 9.84 19.28 8.15
N LYS A 68 10.20 18.12 8.71
CA LYS A 68 10.90 17.09 7.95
C LYS A 68 9.94 16.15 7.23
N LEU A 69 8.66 16.24 7.61
CA LEU A 69 7.62 15.42 7.01
C LEU A 69 7.42 15.75 5.52
N LYS A 70 7.34 14.70 4.70
CA LYS A 70 7.15 14.87 3.27
C LYS A 70 5.83 14.24 2.88
N THR A 71 5.15 14.84 1.92
CA THR A 71 3.87 14.30 1.46
C THR A 71 3.89 14.13 -0.05
N LEU A 72 3.20 13.10 -0.54
CA LEU A 72 3.11 12.84 -1.96
C LEU A 72 1.66 12.57 -2.31
N LEU A 73 1.34 12.70 -3.60
CA LEU A 73 -0.02 12.45 -4.07
C LEU A 73 0.13 11.23 -4.96
N SER A 74 -0.79 10.28 -4.83
CA SER A 74 -0.70 9.09 -5.67
C SER A 74 -1.73 9.14 -6.80
N VAL A 75 -1.34 8.71 -7.98
CA VAL A 75 -2.28 8.66 -9.12
C VAL A 75 -2.52 7.20 -9.41
N GLY A 76 -3.75 6.86 -9.73
CA GLY A 76 -4.02 5.47 -10.02
C GLY A 76 -4.87 4.80 -8.97
N GLY A 77 -4.44 3.62 -8.55
CA GLY A 77 -5.19 2.89 -7.54
C GLY A 77 -5.85 1.72 -8.19
N TRP A 78 -6.22 0.72 -7.39
CA TRP A 78 -6.85 -0.49 -7.91
C TRP A 78 -8.14 -0.31 -8.71
N ASN A 79 -8.97 0.65 -8.32
CA ASN A 79 -10.24 0.92 -9.01
C ASN A 79 -10.11 1.86 -10.19
N PHE A 80 -9.00 2.58 -10.24
CA PHE A 80 -8.78 3.47 -11.37
C PHE A 80 -8.54 2.45 -12.49
N GLY A 81 -9.22 2.59 -13.61
CA GLY A 81 -9.03 1.63 -14.68
C GLY A 81 -7.66 1.61 -15.31
N PRO A 82 -6.98 0.44 -15.37
CA PRO A 82 -5.64 0.26 -15.95
C PRO A 82 -5.61 0.70 -17.40
N GLU A 83 -6.67 0.37 -18.14
CA GLU A 83 -6.78 0.74 -19.54
C GLU A 83 -6.56 2.23 -19.66
N ARG A 84 -7.09 2.96 -18.68
CA ARG A 84 -6.96 4.42 -18.65
C ARG A 84 -5.51 4.87 -18.62
N PHE A 85 -4.73 4.27 -17.73
CA PHE A 85 -3.34 4.60 -17.62
C PHE A 85 -2.71 4.26 -18.94
N SER A 86 -3.09 3.10 -19.43
CA SER A 86 -2.56 2.56 -20.67
C SER A 86 -2.70 3.46 -21.86
N ALA A 87 -3.90 4.01 -22.07
CA ALA A 87 -4.13 4.88 -23.22
C ALA A 87 -3.32 6.16 -23.08
N ILE A 88 -3.14 6.64 -21.85
CA ILE A 88 -2.38 7.87 -21.67
C ILE A 88 -0.91 7.69 -21.98
N ALA A 89 -0.33 6.60 -21.50
CA ALA A 89 1.09 6.37 -21.70
C ALA A 89 1.57 5.95 -23.11
N SER A 90 0.71 5.26 -23.86
CA SER A 90 1.05 4.76 -25.19
C SER A 90 1.22 5.82 -26.26
N LYS A 91 0.73 7.02 -25.99
CA LYS A 91 0.81 8.12 -26.93
C LYS A 91 1.72 9.21 -26.40
N THR A 92 2.82 9.49 -27.10
CA THR A 92 3.73 10.53 -26.65
C THR A 92 3.02 11.85 -26.33
N GLN A 93 2.10 12.27 -27.20
CA GLN A 93 1.38 13.52 -26.98
C GLN A 93 0.57 13.54 -25.70
N SER A 94 -0.24 12.52 -25.47
CA SER A 94 -1.05 12.49 -24.28
C SER A 94 -0.20 12.29 -23.02
N ARG A 95 0.94 11.62 -23.18
CA ARG A 95 1.82 11.37 -22.05
C ARG A 95 2.52 12.65 -21.64
N ARG A 96 3.03 13.39 -22.62
CA ARG A 96 3.72 14.65 -22.37
C ARG A 96 2.74 15.62 -21.72
N THR A 97 1.47 15.52 -22.11
CA THR A 97 0.44 16.40 -21.57
C THR A 97 0.21 16.14 -20.09
N PHE A 98 0.07 14.86 -19.72
CA PHE A 98 -0.14 14.50 -18.33
C PHE A 98 1.08 14.91 -17.50
N ILE A 99 2.26 14.64 -18.04
CA ILE A 99 3.51 14.97 -17.37
C ILE A 99 3.64 16.46 -17.09
N LYS A 100 3.42 17.28 -18.11
CA LYS A 100 3.55 18.72 -17.97
C LYS A 100 2.56 19.33 -16.98
N SER A 101 1.51 18.58 -16.65
CA SER A 101 0.49 19.11 -15.74
C SER A 101 0.77 18.84 -14.28
N VAL A 102 1.60 17.84 -14.01
CA VAL A 102 1.87 17.45 -12.63
C VAL A 102 2.55 18.47 -11.73
N PRO A 103 3.79 18.88 -12.05
CA PRO A 103 4.46 19.86 -11.18
C PRO A 103 3.57 21.00 -10.67
N PRO A 104 2.97 21.78 -11.59
CA PRO A 104 2.08 22.87 -11.18
C PRO A 104 1.05 22.44 -10.15
N PHE A 105 0.41 21.32 -10.41
CA PHE A 105 -0.62 20.80 -9.51
C PHE A 105 -0.08 20.54 -8.12
N LEU A 106 1.05 19.84 -8.05
CA LEU A 106 1.66 19.52 -6.77
C LEU A 106 2.11 20.80 -6.07
N ARG A 107 2.77 21.67 -6.81
CA ARG A 107 3.26 22.91 -6.22
C ARG A 107 2.11 23.68 -5.58
N THR A 108 1.05 23.88 -6.34
CA THR A 108 -0.12 24.59 -5.84
C THR A 108 -0.69 23.99 -4.55
N HIS A 109 -0.86 22.68 -4.53
CA HIS A 109 -1.43 22.01 -3.36
C HIS A 109 -0.45 21.56 -2.30
N GLY A 110 0.78 22.04 -2.43
CA GLY A 110 1.82 21.74 -1.46
C GLY A 110 2.30 20.33 -1.21
N PHE A 111 2.36 19.53 -2.26
CA PHE A 111 2.85 18.16 -2.14
C PHE A 111 4.35 18.15 -2.51
N ASP A 112 5.10 17.17 -2.03
CA ASP A 112 6.52 17.14 -2.33
C ASP A 112 6.87 16.15 -3.45
N GLY A 113 5.87 15.40 -3.90
CA GLY A 113 6.15 14.45 -4.96
C GLY A 113 4.90 13.74 -5.46
N LEU A 114 5.10 12.90 -6.48
CA LEU A 114 4.02 12.14 -7.08
C LEU A 114 4.27 10.65 -6.92
N ASP A 115 3.19 9.90 -6.74
CA ASP A 115 3.27 8.47 -6.59
C ASP A 115 2.42 7.80 -7.65
N LEU A 116 3.07 7.04 -8.53
CA LEU A 116 2.38 6.34 -9.60
C LEU A 116 1.94 4.98 -9.10
N ALA A 117 0.64 4.77 -8.99
CA ALA A 117 0.13 3.48 -8.56
C ALA A 117 -0.62 2.85 -9.75
N TRP A 118 0.08 2.73 -10.89
CA TRP A 118 -0.44 2.14 -12.11
C TRP A 118 -0.66 0.68 -11.80
N LEU A 119 -1.91 0.24 -11.68
CA LEU A 119 -2.13 -1.17 -11.31
C LEU A 119 -3.07 -1.97 -12.16
N TYR A 120 -2.58 -2.89 -13.00
CA TYR A 120 -1.17 -3.27 -13.21
C TYR A 120 -0.89 -3.18 -14.74
N PRO A 121 0.36 -2.91 -15.14
CA PRO A 121 0.72 -2.80 -16.57
C PRO A 121 0.77 -4.19 -17.23
N GLY A 122 0.32 -4.23 -18.48
CA GLY A 122 0.34 -5.49 -19.20
C GLY A 122 1.64 -5.66 -19.92
N ARG A 123 1.71 -6.72 -20.70
CA ARG A 123 2.88 -7.05 -21.51
C ARG A 123 3.05 -5.93 -22.55
N ARG A 124 1.93 -5.43 -23.05
CA ARG A 124 1.95 -4.36 -24.05
C ARG A 124 2.22 -2.99 -23.45
N ASP A 125 2.39 -2.92 -22.13
CA ASP A 125 2.61 -1.63 -21.46
C ASP A 125 4.00 -1.39 -20.91
N LYS A 126 4.72 -2.48 -20.66
CA LYS A 126 6.05 -2.38 -20.07
C LYS A 126 6.91 -1.26 -20.63
N ARG A 127 7.02 -1.18 -21.94
CA ARG A 127 7.86 -0.16 -22.58
C ARG A 127 7.40 1.27 -22.28
N HIS A 128 6.10 1.51 -22.30
CA HIS A 128 5.55 2.82 -22.05
C HIS A 128 5.62 3.22 -20.58
N LEU A 129 5.54 2.23 -19.69
CA LEU A 129 5.65 2.54 -18.28
C LEU A 129 7.06 3.10 -18.10
N THR A 130 8.03 2.48 -18.76
CA THR A 130 9.41 2.94 -18.62
C THR A 130 9.50 4.36 -19.16
N THR A 131 8.81 4.61 -20.25
CA THR A 131 8.81 5.91 -20.86
C THR A 131 8.23 6.97 -19.94
N LEU A 132 7.09 6.65 -19.34
CA LEU A 132 6.39 7.54 -18.40
C LEU A 132 7.30 7.94 -17.24
N VAL A 133 7.93 6.96 -16.62
CA VAL A 133 8.83 7.22 -15.51
C VAL A 133 10.03 8.07 -15.90
N LYS A 134 10.68 7.70 -17.01
CA LYS A 134 11.85 8.45 -17.47
C LYS A 134 11.52 9.92 -17.68
N GLU A 135 10.52 10.15 -18.54
CA GLU A 135 10.09 11.49 -18.90
C GLU A 135 9.51 12.30 -17.73
N MET A 136 8.86 11.63 -16.79
CA MET A 136 8.28 12.32 -15.64
C MET A 136 9.39 12.79 -14.71
N LYS A 137 10.45 11.99 -14.60
CA LYS A 137 11.59 12.35 -13.76
C LYS A 137 12.37 13.49 -14.40
N ALA A 138 12.50 13.44 -15.71
CA ALA A 138 13.22 14.47 -16.45
C ALA A 138 12.54 15.80 -16.30
N GLU A 139 11.22 15.78 -16.19
CA GLU A 139 10.42 16.98 -16.03
C GLU A 139 10.62 17.53 -14.62
N PHE A 140 10.75 16.63 -13.66
CA PHE A 140 10.96 17.03 -12.27
C PHE A 140 12.35 17.60 -12.09
N ILE A 141 13.31 17.09 -12.85
CA ILE A 141 14.67 17.59 -12.75
C ILE A 141 14.70 19.00 -13.30
N ARG A 142 13.98 19.20 -14.39
CA ARG A 142 13.91 20.49 -15.06
C ARG A 142 13.22 21.53 -14.18
N GLU A 143 12.06 21.17 -13.66
CA GLU A 143 11.28 22.09 -12.84
C GLU A 143 12.03 22.57 -11.61
N ALA A 144 13.03 21.82 -11.17
CA ALA A 144 13.78 22.20 -9.98
C ALA A 144 14.72 23.38 -10.25
N GLN A 145 15.07 23.55 -11.52
CA GLN A 145 15.95 24.65 -11.92
C GLN A 145 15.35 25.98 -11.53
N ALA A 146 14.06 26.01 -11.23
CA ALA A 146 13.40 27.24 -10.84
C ALA A 146 13.66 27.61 -9.39
N GLY A 147 14.53 26.87 -8.73
CA GLY A 147 14.86 27.19 -7.36
C GLY A 147 14.19 26.43 -6.23
N THR A 148 13.17 25.64 -6.51
CA THR A 148 12.51 24.91 -5.44
C THR A 148 13.09 23.52 -5.26
N GLU A 149 12.80 22.91 -4.12
CA GLU A 149 13.30 21.57 -3.86
C GLU A 149 12.75 20.64 -4.93
N GLN A 150 13.60 19.79 -5.50
CA GLN A 150 13.15 18.85 -6.52
C GLN A 150 12.04 17.94 -6.03
N LEU A 151 11.08 17.66 -6.91
CA LEU A 151 9.95 16.79 -6.57
C LEU A 151 10.32 15.30 -6.59
N LEU A 152 9.69 14.52 -5.71
CA LEU A 152 9.96 13.09 -5.61
C LEU A 152 9.05 12.33 -6.56
N LEU A 153 9.51 11.18 -7.01
CA LEU A 153 8.73 10.35 -7.92
C LEU A 153 8.90 8.94 -7.41
N SER A 154 7.78 8.32 -7.02
CA SER A 154 7.82 6.96 -6.54
C SER A 154 6.77 6.18 -7.32
N ALA A 155 6.67 4.90 -7.03
CA ALA A 155 5.72 4.03 -7.69
C ALA A 155 5.42 2.80 -6.83
N ALA A 156 4.17 2.36 -6.87
CA ALA A 156 3.72 1.17 -6.14
C ALA A 156 3.74 0.04 -7.16
N VAL A 157 4.51 -0.99 -6.86
CA VAL A 157 4.67 -2.12 -7.77
C VAL A 157 4.16 -3.44 -7.21
N SER A 158 3.64 -4.29 -8.09
CA SER A 158 3.13 -5.59 -7.68
C SER A 158 4.26 -6.46 -7.15
N ALA A 159 3.96 -7.35 -6.23
CA ALA A 159 5.00 -8.26 -5.71
C ALA A 159 4.73 -9.63 -6.29
N GLY A 160 3.96 -9.67 -7.37
CA GLY A 160 3.61 -10.92 -8.02
C GLY A 160 4.59 -11.29 -9.11
N LYS A 161 5.31 -12.38 -8.89
CA LYS A 161 6.33 -12.90 -9.82
C LYS A 161 5.90 -12.74 -11.29
N ILE A 162 4.71 -13.23 -11.60
CA ILE A 162 4.16 -13.16 -12.96
C ILE A 162 3.83 -11.73 -13.38
N ALA A 163 3.30 -10.95 -12.45
CA ALA A 163 2.94 -9.56 -12.73
C ALA A 163 4.21 -8.73 -13.00
N ILE A 164 5.25 -8.97 -12.21
CA ILE A 164 6.51 -8.25 -12.37
C ILE A 164 7.14 -8.54 -13.73
N ASP A 165 7.24 -9.82 -14.07
CA ASP A 165 7.83 -10.25 -15.34
C ASP A 165 7.04 -9.73 -16.52
N ARG A 166 5.74 -9.67 -16.34
CA ARG A 166 4.85 -9.23 -17.40
C ARG A 166 4.95 -7.76 -17.79
N GLY A 167 4.81 -6.86 -16.82
CA GLY A 167 4.82 -5.46 -17.18
C GLY A 167 5.81 -4.47 -16.59
N TYR A 168 6.86 -4.92 -15.93
CA TYR A 168 7.83 -3.99 -15.36
C TYR A 168 9.26 -4.24 -15.76
N ASP A 169 9.96 -3.20 -16.16
CA ASP A 169 11.37 -3.27 -16.52
C ASP A 169 12.03 -2.67 -15.29
N ILE A 170 12.08 -3.48 -14.23
CA ILE A 170 12.66 -3.08 -12.96
C ILE A 170 14.01 -2.39 -13.05
N ALA A 171 14.96 -3.00 -13.75
CA ALA A 171 16.30 -2.42 -13.91
C ALA A 171 16.25 -0.98 -14.38
N GLN A 172 15.34 -0.71 -15.30
CA GLN A 172 15.17 0.63 -15.86
C GLN A 172 14.49 1.59 -14.90
N ILE A 173 13.22 1.36 -14.59
CA ILE A 173 12.53 2.29 -13.70
C ILE A 173 13.17 2.56 -12.33
N SER A 174 14.02 1.66 -11.86
CA SER A 174 14.63 1.89 -10.56
C SER A 174 15.59 3.06 -10.55
N ARG A 175 16.32 3.26 -11.65
CA ARG A 175 17.28 4.35 -11.67
C ARG A 175 16.63 5.71 -11.77
N HIS A 176 15.33 5.75 -12.06
CA HIS A 176 14.63 7.02 -12.19
C HIS A 176 13.69 7.36 -11.06
N LEU A 177 13.32 6.35 -10.28
CA LEU A 177 12.40 6.50 -9.17
C LEU A 177 13.12 6.67 -7.86
N ASP A 178 12.62 7.57 -7.01
CA ASP A 178 13.21 7.84 -5.70
C ASP A 178 13.07 6.67 -4.71
N PHE A 179 11.97 5.94 -4.84
CA PHE A 179 11.74 4.74 -4.06
C PHE A 179 10.59 3.97 -4.66
N ILE A 180 10.66 2.64 -4.54
CA ILE A 180 9.64 1.75 -5.06
C ILE A 180 8.93 1.04 -3.91
N SER A 181 7.60 1.13 -3.87
CA SER A 181 6.85 0.46 -2.83
C SER A 181 6.39 -0.92 -3.30
N LEU A 182 6.85 -1.96 -2.63
CA LEU A 182 6.45 -3.32 -2.99
C LEU A 182 5.12 -3.66 -2.31
N LEU A 183 4.13 -3.99 -3.12
CA LEU A 183 2.82 -4.37 -2.60
C LEU A 183 2.85 -5.84 -2.20
N THR A 184 3.54 -6.12 -1.11
CA THR A 184 3.70 -7.48 -0.64
C THR A 184 2.57 -7.91 0.28
N TYR A 185 1.33 -7.73 -0.16
CA TYR A 185 0.21 -8.14 0.68
C TYR A 185 -1.03 -8.75 0.07
N ASP A 186 -1.19 -8.70 -1.24
CA ASP A 186 -2.39 -9.33 -1.77
C ASP A 186 -1.98 -10.60 -2.49
N PHE A 187 -1.24 -11.44 -1.77
CA PHE A 187 -0.75 -12.72 -2.29
C PHE A 187 -1.80 -13.81 -2.38
N HIS A 188 -2.81 -13.73 -1.55
CA HIS A 188 -3.85 -14.70 -1.67
C HIS A 188 -5.03 -13.75 -1.86
N GLY A 189 -6.21 -14.28 -2.07
CA GLY A 189 -7.30 -13.37 -2.23
C GLY A 189 -8.58 -13.99 -1.82
N ALA A 190 -9.56 -14.00 -2.70
CA ALA A 190 -10.84 -14.60 -2.38
C ALA A 190 -11.43 -14.85 -3.73
N TRP A 191 -10.52 -14.90 -4.69
CA TRP A 191 -10.79 -15.13 -6.10
C TRP A 191 -10.58 -16.63 -6.27
N ARG A 192 -9.90 -17.19 -5.27
CA ARG A 192 -9.60 -18.61 -5.20
C ARG A 192 -10.38 -19.18 -4.02
N GLN A 193 -11.03 -20.29 -4.29
CA GLN A 193 -11.87 -20.96 -3.33
C GLN A 193 -11.16 -21.83 -2.29
N THR A 194 -10.17 -21.25 -1.61
CA THR A 194 -9.43 -21.93 -0.54
C THR A 194 -8.97 -20.90 0.48
N VAL A 195 -8.75 -21.35 1.71
CA VAL A 195 -8.30 -20.46 2.77
C VAL A 195 -6.78 -20.22 2.68
N GLY A 196 -6.38 -18.95 2.78
CA GLY A 196 -4.96 -18.62 2.69
C GLY A 196 -4.62 -17.21 3.14
N HIS A 197 -3.39 -17.04 3.61
CA HIS A 197 -2.94 -15.74 4.08
C HIS A 197 -2.45 -14.87 2.93
N HIS A 198 -2.89 -13.63 2.93
CA HIS A 198 -2.50 -12.71 1.87
C HIS A 198 -1.11 -12.10 2.01
N SER A 199 -0.59 -12.00 3.22
CA SER A 199 0.72 -11.39 3.38
C SER A 199 1.74 -12.17 4.18
N PRO A 200 1.95 -13.45 3.83
CA PRO A 200 2.91 -14.29 4.54
C PRO A 200 4.31 -13.76 4.27
N LEU A 201 5.19 -13.90 5.26
CA LEU A 201 6.56 -13.44 5.12
C LEU A 201 7.40 -14.47 4.38
N PHE A 202 7.31 -15.71 4.84
CA PHE A 202 8.04 -16.81 4.24
C PHE A 202 7.11 -17.78 3.57
N ALA A 203 7.68 -18.65 2.75
CA ALA A 203 6.88 -19.62 2.01
C ALA A 203 6.10 -20.61 2.87
N GLY A 204 6.83 -21.39 3.67
CA GLY A 204 6.17 -22.38 4.49
C GLY A 204 6.15 -23.72 3.76
N ASN A 205 7.11 -24.57 4.14
CA ASN A 205 7.30 -25.89 3.56
C ASN A 205 6.06 -26.73 3.22
N GLU A 206 4.92 -26.47 3.86
CA GLU A 206 3.71 -27.22 3.60
C GLU A 206 3.03 -26.88 2.28
N ASP A 207 2.20 -27.80 1.79
CA ASP A 207 1.47 -27.68 0.53
C ASP A 207 1.93 -26.51 -0.34
N ALA A 208 2.71 -26.80 -1.38
CA ALA A 208 3.23 -25.75 -2.24
C ALA A 208 2.92 -25.91 -3.73
N SER A 209 3.43 -24.94 -4.50
CA SER A 209 3.27 -24.84 -5.94
C SER A 209 3.51 -23.38 -6.25
N SER A 210 3.16 -22.55 -5.26
CA SER A 210 3.30 -21.11 -5.36
C SER A 210 4.75 -20.68 -5.18
N ARG A 211 5.30 -20.97 -4.00
CA ARG A 211 6.69 -20.62 -3.70
C ARG A 211 7.05 -19.15 -3.99
N PHE A 212 6.26 -18.48 -4.81
CA PHE A 212 6.51 -17.09 -5.17
C PHE A 212 5.59 -16.10 -4.44
N SER A 213 4.56 -16.62 -3.77
CA SER A 213 3.60 -15.77 -3.08
C SER A 213 3.89 -15.49 -1.61
N ASN A 214 4.96 -14.75 -1.36
CA ASN A 214 5.36 -14.35 -0.01
C ASN A 214 6.36 -13.21 -0.15
N ALA A 215 6.46 -12.39 0.89
CA ALA A 215 7.36 -11.25 0.89
C ALA A 215 8.82 -11.59 0.64
N ASP A 216 9.32 -12.66 1.25
CA ASP A 216 10.73 -12.99 1.05
C ASP A 216 11.08 -13.31 -0.38
N TYR A 217 10.15 -13.87 -1.15
CA TYR A 217 10.47 -14.18 -2.53
C TYR A 217 10.48 -12.90 -3.34
N ALA A 218 9.40 -12.13 -3.21
CA ALA A 218 9.27 -10.86 -3.93
C ALA A 218 10.50 -9.97 -3.74
N VAL A 219 10.92 -9.78 -2.49
CA VAL A 219 12.09 -8.94 -2.24
C VAL A 219 13.32 -9.47 -2.97
N SER A 220 13.62 -10.75 -2.73
CA SER A 220 14.77 -11.37 -3.35
C SER A 220 14.75 -11.24 -4.85
N TYR A 221 13.58 -11.51 -5.43
CA TYR A 221 13.42 -11.44 -6.88
C TYR A 221 13.71 -10.01 -7.36
N MET A 222 13.10 -9.03 -6.71
CA MET A 222 13.32 -7.64 -7.08
C MET A 222 14.79 -7.29 -7.00
N LEU A 223 15.46 -7.75 -5.96
CA LEU A 223 16.88 -7.46 -5.81
C LEU A 223 17.62 -8.10 -6.98
N ARG A 224 17.15 -9.28 -7.40
CA ARG A 224 17.79 -9.99 -8.51
C ARG A 224 17.63 -9.25 -9.83
N LEU A 225 16.43 -8.77 -10.08
CA LEU A 225 16.16 -8.08 -11.32
C LEU A 225 16.90 -6.75 -11.47
N GLY A 226 17.56 -6.26 -10.42
CA GLY A 226 18.30 -5.02 -10.54
C GLY A 226 17.92 -3.82 -9.71
N ALA A 227 16.98 -3.99 -8.78
CA ALA A 227 16.56 -2.88 -7.93
C ALA A 227 17.46 -2.78 -6.70
N PRO A 228 18.06 -1.59 -6.46
CA PRO A 228 18.91 -1.45 -5.28
C PRO A 228 18.09 -1.50 -4.00
N ALA A 229 18.60 -2.20 -3.00
CA ALA A 229 17.89 -2.30 -1.75
C ALA A 229 17.63 -0.91 -1.17
N ASN A 230 18.53 0.04 -1.41
CA ASN A 230 18.31 1.36 -0.83
C ASN A 230 17.18 2.14 -1.48
N LYS A 231 16.45 1.50 -2.40
CA LYS A 231 15.31 2.12 -3.07
C LYS A 231 14.04 1.28 -2.91
N LEU A 232 14.18 0.10 -2.34
CA LEU A 232 13.07 -0.82 -2.11
C LEU A 232 12.40 -0.59 -0.78
N VAL A 233 11.08 -0.46 -0.81
CA VAL A 233 10.30 -0.29 0.42
C VAL A 233 9.31 -1.44 0.48
N MET A 234 9.25 -2.10 1.62
CA MET A 234 8.35 -3.24 1.77
C MET A 234 6.99 -2.88 2.33
N GLY A 235 5.94 -3.34 1.67
CA GLY A 235 4.59 -3.06 2.11
C GLY A 235 4.08 -3.91 3.25
N ILE A 236 3.56 -3.24 4.28
CA ILE A 236 2.99 -3.94 5.43
C ILE A 236 1.52 -3.56 5.56
N PRO A 237 0.63 -4.59 5.54
CA PRO A 237 -0.81 -4.46 5.65
C PRO A 237 -1.25 -3.97 7.00
N THR A 238 -2.42 -3.39 7.02
CA THR A 238 -2.99 -2.88 8.25
C THR A 238 -4.47 -3.30 8.28
N PHE A 239 -4.82 -4.13 7.30
CA PHE A 239 -6.14 -4.66 7.17
C PHE A 239 -5.98 -6.16 6.98
N GLY A 240 -7.08 -6.88 7.11
CA GLY A 240 -7.04 -8.31 6.92
C GLY A 240 -8.04 -8.68 5.85
N ARG A 241 -7.92 -9.87 5.31
CA ARG A 241 -8.86 -10.32 4.32
C ARG A 241 -9.64 -11.45 4.98
N SER A 242 -10.96 -11.41 4.84
CA SER A 242 -11.80 -12.40 5.45
C SER A 242 -12.40 -13.38 4.47
N PHE A 243 -12.93 -14.47 5.02
CA PHE A 243 -13.53 -15.53 4.21
C PHE A 243 -14.72 -16.12 4.94
N THR A 244 -15.60 -16.74 4.18
CA THR A 244 -16.75 -17.40 4.77
C THR A 244 -16.52 -18.89 4.51
N LEU A 245 -16.16 -19.62 5.56
CA LEU A 245 -15.90 -21.03 5.44
C LEU A 245 -17.05 -21.80 4.82
N ALA A 246 -16.71 -22.84 4.09
CA ALA A 246 -17.72 -23.68 3.45
C ALA A 246 -17.88 -24.95 4.26
N SER A 247 -17.04 -25.12 5.28
CA SER A 247 -17.14 -26.30 6.13
C SER A 247 -16.64 -26.01 7.53
N SER A 248 -16.75 -26.98 8.43
CA SER A 248 -16.31 -26.77 9.80
C SER A 248 -14.79 -26.80 9.89
N LYS A 249 -14.13 -27.01 8.75
CA LYS A 249 -12.68 -27.04 8.71
C LYS A 249 -12.04 -25.65 8.80
N THR A 250 -11.01 -25.54 9.62
CA THR A 250 -10.32 -24.28 9.84
C THR A 250 -8.85 -24.21 9.42
N ASP A 251 -8.20 -25.36 9.40
CA ASP A 251 -6.79 -25.41 9.05
C ASP A 251 -6.50 -25.18 7.57
N VAL A 252 -5.21 -25.03 7.28
CA VAL A 252 -4.73 -24.79 5.93
C VAL A 252 -5.47 -25.62 4.90
N GLY A 253 -5.82 -24.97 3.79
CA GLY A 253 -6.51 -25.67 2.71
C GLY A 253 -8.01 -25.71 2.84
N ALA A 254 -8.53 -25.44 4.02
CA ALA A 254 -9.97 -25.47 4.27
C ALA A 254 -10.76 -24.87 3.12
N PRO A 255 -11.92 -25.47 2.78
CA PRO A 255 -12.78 -25.00 1.69
C PRO A 255 -13.39 -23.63 1.99
N VAL A 256 -13.48 -22.79 0.96
CA VAL A 256 -14.03 -21.45 1.11
C VAL A 256 -15.25 -21.26 0.23
N SER A 257 -16.25 -20.59 0.78
CA SER A 257 -17.47 -20.36 0.02
C SER A 257 -17.58 -18.94 -0.52
N GLY A 258 -16.63 -18.09 -0.14
CA GLY A 258 -16.63 -16.71 -0.59
C GLY A 258 -16.05 -15.76 0.43
N PRO A 259 -15.97 -14.46 0.09
CA PRO A 259 -15.44 -13.42 0.97
C PRO A 259 -16.09 -13.45 2.33
N GLY A 260 -15.62 -12.57 3.22
CA GLY A 260 -16.18 -12.51 4.55
C GLY A 260 -17.23 -11.43 4.69
N VAL A 261 -18.10 -11.62 5.67
CA VAL A 261 -19.14 -10.66 5.94
C VAL A 261 -18.48 -9.31 6.20
N PRO A 262 -19.12 -8.22 5.73
CA PRO A 262 -18.58 -6.86 5.91
C PRO A 262 -18.40 -6.38 7.33
N GLY A 263 -17.42 -5.49 7.51
CA GLY A 263 -17.16 -4.92 8.80
C GLY A 263 -18.16 -3.80 9.04
N ARG A 264 -18.49 -3.57 10.30
CA ARG A 264 -19.46 -2.54 10.65
C ARG A 264 -19.07 -1.16 10.13
N PHE A 265 -17.76 -0.91 10.01
CA PHE A 265 -17.30 0.39 9.54
C PHE A 265 -16.76 0.52 8.13
N THR A 266 -16.08 -0.50 7.64
CA THR A 266 -15.49 -0.45 6.31
C THR A 266 -16.49 -0.88 5.23
N LYS A 267 -17.51 -1.61 5.63
CA LYS A 267 -18.57 -2.09 4.73
C LYS A 267 -18.15 -2.57 3.34
N GLU A 268 -17.25 -3.54 3.30
CA GLU A 268 -16.75 -4.11 2.05
C GLU A 268 -16.51 -5.60 2.32
N LYS A 269 -17.13 -6.49 1.55
CA LYS A 269 -16.92 -7.92 1.76
C LYS A 269 -15.47 -8.24 1.51
N GLY A 270 -14.92 -9.17 2.29
CA GLY A 270 -13.54 -9.57 2.10
C GLY A 270 -12.45 -8.73 2.71
N ILE A 271 -12.83 -7.64 3.36
CA ILE A 271 -11.85 -6.76 3.98
C ILE A 271 -12.27 -6.35 5.38
N LEU A 272 -11.29 -6.17 6.26
CA LEU A 272 -11.54 -5.73 7.63
C LEU A 272 -10.38 -4.87 8.05
N ALA A 273 -10.69 -3.75 8.72
CA ALA A 273 -9.67 -2.84 9.22
C ALA A 273 -9.06 -3.50 10.45
N TYR A 274 -7.87 -3.08 10.84
CA TYR A 274 -7.27 -3.68 12.01
C TYR A 274 -8.16 -3.41 13.22
N TYR A 275 -8.80 -2.24 13.24
CA TYR A 275 -9.63 -1.92 14.38
C TYR A 275 -10.92 -2.71 14.42
N GLU A 276 -11.34 -3.28 13.30
CA GLU A 276 -12.56 -4.06 13.31
C GLU A 276 -12.14 -5.45 13.77
N ILE A 277 -10.93 -5.84 13.37
CA ILE A 277 -10.35 -7.12 13.72
C ILE A 277 -10.15 -7.21 15.23
N CYS A 278 -9.74 -6.11 15.85
CA CYS A 278 -9.51 -6.07 17.28
C CYS A 278 -10.79 -6.42 18.00
N ASP A 279 -11.92 -5.97 17.43
CA ASP A 279 -13.23 -6.24 18.01
C ASP A 279 -13.63 -7.66 17.62
N PHE A 280 -13.22 -8.08 16.44
CA PHE A 280 -13.54 -9.42 15.95
C PHE A 280 -12.92 -10.49 16.83
N LEU A 281 -11.67 -10.26 17.22
CA LEU A 281 -10.92 -11.21 18.03
C LEU A 281 -11.64 -11.69 19.30
N HIS A 282 -12.37 -10.80 19.95
CA HIS A 282 -13.10 -11.18 21.16
C HIS A 282 -14.04 -12.34 20.86
N GLY A 283 -13.73 -13.49 21.44
CA GLY A 283 -14.56 -14.65 21.24
C GLY A 283 -14.10 -15.48 20.07
N ALA A 284 -12.98 -15.09 19.48
CA ALA A 284 -12.46 -15.81 18.33
C ALA A 284 -11.28 -16.69 18.73
N THR A 285 -11.00 -17.66 17.88
CA THR A 285 -9.89 -18.56 18.12
C THR A 285 -8.74 -18.03 17.27
N THR A 286 -7.62 -17.72 17.89
CA THR A 286 -6.48 -17.22 17.13
C THR A 286 -5.47 -18.32 16.89
N HIS A 287 -4.83 -18.26 15.72
CA HIS A 287 -3.82 -19.22 15.32
C HIS A 287 -2.67 -18.50 14.64
N ARG A 288 -1.56 -19.20 14.40
CA ARG A 288 -0.42 -18.58 13.75
C ARG A 288 0.45 -19.56 12.95
N PHE A 289 0.65 -19.25 11.67
CA PHE A 289 1.48 -20.07 10.79
C PHE A 289 2.92 -19.86 11.22
N ARG A 290 3.59 -20.89 11.72
CA ARG A 290 4.97 -20.71 12.16
C ARG A 290 5.90 -20.46 10.99
N ASP A 291 5.74 -21.23 9.92
CA ASP A 291 6.61 -21.06 8.78
C ASP A 291 6.45 -19.68 8.17
N GLN A 292 5.23 -19.31 7.82
CA GLN A 292 4.94 -18.01 7.20
C GLN A 292 5.04 -16.85 8.19
N GLN A 293 4.92 -17.16 9.48
CA GLN A 293 5.02 -16.19 10.54
C GLN A 293 3.93 -15.13 10.55
N VAL A 294 2.69 -15.54 10.37
CA VAL A 294 1.57 -14.62 10.37
C VAL A 294 0.38 -15.26 11.07
N PRO A 295 -0.53 -14.43 11.63
CA PRO A 295 -1.69 -14.98 12.32
C PRO A 295 -2.97 -15.01 11.49
N TYR A 296 -3.96 -15.73 12.00
CA TYR A 296 -5.28 -15.81 11.38
C TYR A 296 -6.26 -16.17 12.50
N ALA A 297 -7.51 -15.77 12.38
CA ALA A 297 -8.49 -16.06 13.42
C ALA A 297 -9.78 -16.59 12.86
N THR A 298 -10.53 -17.30 13.68
CA THR A 298 -11.79 -17.88 13.27
C THR A 298 -12.86 -17.70 14.32
N LYS A 299 -14.05 -17.37 13.86
CA LYS A 299 -15.19 -17.17 14.75
C LYS A 299 -16.37 -17.59 13.89
N GLY A 300 -17.16 -18.54 14.37
CA GLY A 300 -18.29 -18.99 13.59
C GLY A 300 -17.84 -19.56 12.26
N ASN A 301 -18.38 -19.05 11.16
CA ASN A 301 -18.00 -19.53 9.83
C ASN A 301 -17.13 -18.48 9.18
N GLN A 302 -16.58 -17.58 9.99
CA GLN A 302 -15.71 -16.50 9.52
C GLN A 302 -14.24 -16.81 9.73
N TRP A 303 -13.44 -16.61 8.70
CA TRP A 303 -12.00 -16.87 8.76
C TRP A 303 -11.24 -15.59 8.38
N VAL A 304 -10.33 -15.15 9.25
CA VAL A 304 -9.59 -13.91 8.99
C VAL A 304 -8.07 -13.96 8.97
N ALA A 305 -7.47 -13.56 7.86
CA ALA A 305 -6.01 -13.52 7.70
C ALA A 305 -5.63 -12.08 8.00
N TYR A 306 -4.81 -11.85 9.02
CA TYR A 306 -4.44 -10.49 9.35
C TYR A 306 -3.00 -10.37 9.80
N ASP A 307 -2.65 -9.18 10.27
CA ASP A 307 -1.32 -8.89 10.81
C ASP A 307 -1.45 -8.18 12.14
N ASP A 308 -0.67 -8.62 13.12
CA ASP A 308 -0.68 -7.99 14.42
C ASP A 308 0.71 -7.44 14.75
N GLN A 309 0.81 -6.72 15.86
CA GLN A 309 2.07 -6.11 16.28
C GLN A 309 3.25 -7.02 16.16
N GLU A 310 3.04 -8.30 16.45
CA GLU A 310 4.12 -9.24 16.37
C GLU A 310 4.52 -9.48 14.93
N SER A 311 3.56 -9.84 14.09
CA SER A 311 3.90 -10.12 12.71
C SER A 311 4.54 -8.92 12.09
N VAL A 312 4.00 -7.75 12.39
CA VAL A 312 4.51 -6.52 11.81
C VAL A 312 5.95 -6.13 12.23
N LYS A 313 6.31 -6.41 13.48
CA LYS A 313 7.66 -6.11 13.96
C LYS A 313 8.61 -7.05 13.25
N ASN A 314 8.11 -8.26 13.09
CA ASN A 314 8.84 -9.35 12.47
C ASN A 314 9.19 -9.01 11.02
N LYS A 315 8.25 -8.42 10.31
CA LYS A 315 8.46 -8.02 8.92
C LYS A 315 9.40 -6.83 8.88
N ALA A 316 9.36 -6.01 9.93
CA ALA A 316 10.21 -4.83 10.02
C ALA A 316 11.65 -5.23 10.24
N ARG A 317 11.88 -6.24 11.07
CA ARG A 317 13.23 -6.71 11.32
C ARG A 317 13.73 -7.28 10.01
N TYR A 318 12.84 -7.96 9.30
CA TYR A 318 13.22 -8.56 8.04
C TYR A 318 13.78 -7.57 7.04
N LEU A 319 13.06 -6.49 6.76
CA LEU A 319 13.60 -5.55 5.79
C LEU A 319 14.89 -4.89 6.28
N LYS A 320 15.03 -4.75 7.60
CA LYS A 320 16.27 -4.16 8.15
C LYS A 320 17.44 -5.09 7.87
N ASN A 321 17.21 -6.38 8.11
CA ASN A 321 18.24 -7.39 7.89
C ASN A 321 18.63 -7.53 6.44
N ARG A 322 17.72 -7.21 5.53
CA ARG A 322 18.04 -7.30 4.12
C ARG A 322 18.52 -5.94 3.60
N GLN A 323 18.54 -4.96 4.49
CA GLN A 323 19.02 -3.61 4.17
C GLN A 323 18.21 -2.84 3.17
N LEU A 324 16.89 -2.93 3.27
CA LEU A 324 16.01 -2.21 2.37
C LEU A 324 15.86 -0.79 2.88
N ALA A 325 15.37 0.09 2.02
CA ALA A 325 15.22 1.49 2.40
C ALA A 325 14.14 1.73 3.46
N GLY A 326 13.22 0.78 3.62
CA GLY A 326 12.19 0.97 4.63
C GLY A 326 10.89 0.22 4.39
N ALA A 327 9.88 0.58 5.18
CA ALA A 327 8.55 -0.02 5.12
C ALA A 327 7.50 0.93 4.57
N MET A 328 6.44 0.33 4.03
CA MET A 328 5.30 1.06 3.46
C MET A 328 4.07 0.47 4.12
N VAL A 329 3.28 1.31 4.75
CA VAL A 329 2.08 0.86 5.44
C VAL A 329 0.81 1.25 4.68
N TRP A 330 -0.02 0.27 4.37
CA TRP A 330 -1.31 0.54 3.74
C TRP A 330 -2.32 0.05 4.76
N ALA A 331 -3.11 0.91 5.40
CA ALA A 331 -3.12 2.36 5.26
C ALA A 331 -3.38 2.87 6.68
N LEU A 332 -2.96 4.10 6.95
CA LEU A 332 -3.14 4.72 8.29
C LEU A 332 -4.57 4.75 8.86
N ASP A 333 -5.58 4.81 7.98
CA ASP A 333 -6.97 4.88 8.39
C ASP A 333 -7.63 3.54 8.62
N LEU A 334 -6.84 2.47 8.55
CA LEU A 334 -7.34 1.12 8.77
C LEU A 334 -6.67 0.62 10.04
N ASP A 335 -5.66 1.37 10.49
CA ASP A 335 -4.92 1.08 11.71
C ASP A 335 -5.79 1.68 12.82
N ASP A 336 -5.53 1.34 14.09
CA ASP A 336 -6.36 1.93 15.14
C ASP A 336 -5.91 3.37 15.35
N PHE A 337 -6.35 4.26 14.45
CA PHE A 337 -5.98 5.67 14.51
C PHE A 337 -6.53 6.48 15.69
N ARG A 338 -7.58 5.99 16.33
CA ARG A 338 -8.13 6.68 17.50
C ARG A 338 -7.49 6.02 18.71
N GLY A 339 -7.18 4.73 18.56
CA GLY A 339 -6.55 3.97 19.62
C GLY A 339 -7.53 3.57 20.70
N THR A 340 -8.79 3.41 20.34
CA THR A 340 -9.81 3.04 21.30
C THR A 340 -10.53 1.75 20.92
N PHE A 341 -9.92 0.96 20.04
CA PHE A 341 -10.49 -0.33 19.62
C PHE A 341 -9.65 -1.53 20.03
N CYS A 342 -8.34 -1.34 20.11
CA CYS A 342 -7.47 -2.48 20.40
C CYS A 342 -6.85 -2.70 21.78
N GLY A 343 -7.46 -2.18 22.82
CA GLY A 343 -6.91 -2.41 24.14
C GLY A 343 -5.90 -1.40 24.59
N GLN A 344 -4.63 -1.76 24.57
CA GLN A 344 -3.58 -0.86 25.05
C GLN A 344 -3.62 0.54 24.45
N ASN A 345 -4.21 1.47 25.20
CA ASN A 345 -4.35 2.85 24.76
C ASN A 345 -3.11 3.34 24.02
N LEU A 346 -3.16 3.24 22.69
CA LEU A 346 -2.06 3.66 21.85
C LEU A 346 -2.67 3.96 20.51
N THR A 347 -2.31 5.10 19.95
CA THR A 347 -2.81 5.51 18.65
C THR A 347 -1.92 4.89 17.59
N PHE A 348 -2.51 4.28 16.57
CA PHE A 348 -1.75 3.64 15.47
C PHE A 348 -0.84 2.51 15.99
N PRO A 349 -1.43 1.50 16.63
CA PRO A 349 -0.60 0.41 17.15
C PRO A 349 0.30 -0.29 16.12
N LEU A 350 -0.29 -0.68 14.99
CA LEU A 350 0.48 -1.38 13.98
C LEU A 350 1.56 -0.49 13.40
N THR A 351 1.22 0.69 12.92
CA THR A 351 2.26 1.51 12.33
C THR A 351 3.36 1.86 13.33
N SER A 352 2.98 2.04 14.59
CA SER A 352 3.93 2.38 15.64
C SER A 352 4.94 1.27 15.81
N ALA A 353 4.44 0.04 15.89
CA ALA A 353 5.29 -1.12 16.07
C ALA A 353 6.35 -1.12 14.98
N VAL A 354 5.94 -0.78 13.76
CA VAL A 354 6.91 -0.74 12.66
C VAL A 354 7.95 0.33 12.97
N LYS A 355 7.48 1.52 13.33
CA LYS A 355 8.37 2.63 13.63
C LYS A 355 9.38 2.37 14.75
N ASP A 356 9.01 1.56 15.75
CA ASP A 356 9.91 1.28 16.85
C ASP A 356 11.05 0.40 16.38
N VAL A 357 10.74 -0.65 15.64
CA VAL A 357 11.78 -1.53 15.15
C VAL A 357 12.76 -0.79 14.24
N LEU A 358 12.22 0.05 13.36
CA LEU A 358 13.05 0.83 12.46
C LEU A 358 13.90 1.84 13.20
N ALA A 359 13.37 2.28 14.33
CA ALA A 359 14.04 3.27 15.17
C ALA A 359 15.17 2.59 15.92
N GLU A 360 15.01 1.29 16.11
CA GLU A 360 15.99 0.43 16.78
C GLU A 360 17.22 0.46 15.90
N VAL A 361 18.22 -0.34 16.25
CA VAL A 361 19.43 -0.40 15.44
C VAL A 361 19.18 -1.20 14.16
N TRP B 1 -14.62 -5.17 -6.77
CA TRP B 1 -14.68 -6.08 -7.95
C TRP B 1 -16.12 -6.55 -8.22
N PRO B 2 -16.89 -6.88 -7.14
CA PRO B 2 -18.28 -7.35 -6.94
C PRO B 2 -19.40 -6.53 -7.60
N TRP B 3 -19.05 -5.97 -8.74
CA TRP B 3 -19.89 -5.16 -9.62
C TRP B 3 -21.06 -6.05 -10.11
#